data_9I2A
#
_entry.id   9I2A
#
_cell.length_a   45.870
_cell.length_b   45.830
_cell.length_c   85.300
_cell.angle_alpha   90.00
_cell.angle_beta   90.00
_cell.angle_gamma   90.00
#
_symmetry.space_group_name_H-M   'P 21 21 21'
#
loop_
_entity.id
_entity.type
_entity.pdbx_description
1 polymer Ferredoxin-4
2 non-polymer 'FE2/S2 (INORGANIC) CLUSTER'
3 water water
#
_entity_poly.entity_id   1
_entity_poly.type   'polypeptide(L)'
_entity_poly.pdbx_seq_one_letter_code
;MAWSHPQFEKDKATLTFTDVSITVNVPTGTRIIEMSEKVGSGITYGCREGECGTCMTHILEGSENLSEPTALEMRVLEEN
LGGKDDRLACQCRVLGGAVKVRPA
;
_entity_poly.pdbx_strand_id   A,B
#
loop_
_chem_comp.id
_chem_comp.type
_chem_comp.name
_chem_comp.formula
FES non-polymer 'FE2/S2 (INORGANIC) CLUSTER' 'Fe2 S2'
#
# COMPACT_ATOMS: atom_id res chain seq x y z
N PHE A 8 -1.38 -25.45 6.26
CA PHE A 8 -1.10 -26.79 5.76
C PHE A 8 -0.44 -26.74 4.39
N GLU A 9 -0.53 -25.58 3.74
CA GLU A 9 0.14 -25.37 2.47
C GLU A 9 1.19 -24.27 2.62
N LYS A 10 2.00 -24.35 3.68
CA LYS A 10 2.93 -23.28 3.99
C LYS A 10 4.04 -23.14 2.96
N ASP A 11 4.09 -24.01 1.95
CA ASP A 11 5.03 -23.89 0.85
C ASP A 11 4.42 -23.23 -0.37
N LYS A 12 3.22 -22.66 -0.24
CA LYS A 12 2.60 -21.93 -1.33
C LYS A 12 1.96 -20.65 -0.81
N ALA A 13 1.86 -19.67 -1.71
CA ALA A 13 1.39 -18.34 -1.37
C ALA A 13 0.53 -17.82 -2.51
N THR A 14 -0.40 -16.93 -2.19
CA THR A 14 -1.24 -16.32 -3.20
C THR A 14 -0.75 -14.91 -3.49
N LEU A 15 -0.69 -14.58 -4.77
CA LEU A 15 -0.18 -13.29 -5.24
C LEU A 15 -1.19 -12.69 -6.20
N THR A 16 -1.71 -11.52 -5.85
CA THR A 16 -2.76 -10.87 -6.61
C THR A 16 -2.18 -9.69 -7.38
N PHE A 17 -2.33 -9.72 -8.70
CA PHE A 17 -1.99 -8.60 -9.56
C PHE A 17 -3.29 -7.87 -9.84
N THR A 18 -3.49 -6.71 -9.19
CA THR A 18 -4.75 -6.01 -9.25
C THR A 18 -4.95 -5.25 -10.55
N ASP A 19 -3.88 -4.94 -11.28
CA ASP A 19 -4.06 -4.28 -12.57
C ASP A 19 -4.70 -5.21 -13.59
N VAL A 20 -4.68 -6.51 -13.35
CA VAL A 20 -5.32 -7.48 -14.21
C VAL A 20 -6.39 -8.30 -13.49
N SER A 21 -6.57 -8.10 -12.19
CA SER A 21 -7.58 -8.80 -11.40
C SER A 21 -7.44 -10.31 -11.54
N ILE A 22 -6.30 -10.81 -11.08
CA ILE A 22 -6.06 -12.25 -11.03
C ILE A 22 -5.19 -12.54 -9.82
N THR A 23 -5.53 -13.61 -9.11
CA THR A 23 -4.73 -14.11 -8.00
C THR A 23 -4.20 -15.48 -8.39
N VAL A 24 -2.89 -15.64 -8.33
CA VAL A 24 -2.23 -16.91 -8.65
C VAL A 24 -1.67 -17.49 -7.37
N ASN A 25 -1.70 -18.81 -7.29
CA ASN A 25 -1.13 -19.54 -6.15
C ASN A 25 0.30 -19.93 -6.53
N VAL A 26 1.28 -19.29 -5.89
CA VAL A 26 2.68 -19.46 -6.29
C VAL A 26 3.41 -20.30 -5.26
N PRO A 27 4.39 -21.10 -5.65
CA PRO A 27 5.26 -21.74 -4.66
C PRO A 27 6.07 -20.69 -3.92
N THR A 28 6.25 -20.90 -2.63
CA THR A 28 6.96 -19.89 -1.84
C THR A 28 8.40 -19.74 -2.33
N GLY A 29 8.92 -18.52 -2.20
CA GLY A 29 10.21 -18.18 -2.74
C GLY A 29 10.18 -17.66 -4.15
N THR A 30 9.03 -17.72 -4.82
CA THR A 30 8.92 -17.19 -6.18
C THR A 30 9.00 -15.67 -6.16
N ARG A 31 9.71 -15.11 -7.13
CA ARG A 31 9.78 -13.66 -7.29
C ARG A 31 8.56 -13.17 -8.06
N ILE A 32 8.12 -11.96 -7.72
CA ILE A 32 6.91 -11.39 -8.31
C ILE A 32 7.05 -11.27 -9.82
N ILE A 33 8.26 -10.91 -10.29
CA ILE A 33 8.48 -10.77 -11.72
C ILE A 33 8.31 -12.10 -12.45
N GLU A 34 8.47 -13.21 -11.75
CA GLU A 34 8.37 -14.52 -12.38
C GLU A 34 6.93 -14.93 -12.65
N MET A 35 5.95 -14.16 -12.16
CA MET A 35 4.54 -14.38 -12.43
C MET A 35 3.87 -13.24 -13.17
N SER A 36 4.41 -12.02 -13.11
CA SER A 36 3.71 -10.86 -13.65
C SER A 36 3.44 -11.00 -15.15
N GLU A 37 4.43 -11.46 -15.91
CA GLU A 37 4.22 -11.59 -17.35
C GLU A 37 3.36 -12.81 -17.68
N LYS A 38 3.33 -13.81 -16.80
CA LYS A 38 2.45 -14.94 -17.04
C LYS A 38 0.99 -14.54 -16.99
N VAL A 39 0.65 -13.50 -16.22
CA VAL A 39 -0.72 -13.03 -16.09
C VAL A 39 -0.95 -11.71 -16.81
N GLY A 40 0.08 -11.13 -17.42
CA GLY A 40 -0.07 -9.92 -18.19
C GLY A 40 0.04 -8.63 -17.40
N SER A 41 0.36 -8.70 -16.12
CA SER A 41 0.52 -7.50 -15.32
C SER A 41 1.61 -6.60 -15.92
N GLY A 42 1.43 -5.30 -15.76
CA GLY A 42 2.29 -4.33 -16.41
C GLY A 42 3.58 -4.01 -15.67
N ILE A 43 4.18 -5.02 -15.05
CA ILE A 43 5.47 -4.86 -14.39
C ILE A 43 6.56 -5.26 -15.37
N THR A 44 7.55 -4.38 -15.54
CA THR A 44 8.54 -4.51 -16.60
C THR A 44 9.83 -5.11 -16.06
N TYR A 45 10.36 -6.09 -16.78
CA TYR A 45 11.66 -6.68 -16.48
C TYR A 45 12.68 -6.04 -17.42
N GLY A 46 13.52 -5.17 -16.89
CA GLY A 46 14.36 -4.35 -17.74
C GLY A 46 15.85 -4.54 -17.58
N CYS A 47 16.24 -5.53 -16.77
CA CYS A 47 17.64 -5.83 -16.54
C CYS A 47 17.73 -7.19 -15.90
N ARG A 48 18.94 -7.75 -15.90
CA ARG A 48 19.21 -9.03 -15.27
C ARG A 48 20.18 -8.91 -14.10
N GLU A 49 20.47 -7.68 -13.66
CA GLU A 49 21.40 -7.44 -12.57
C GLU A 49 20.76 -6.72 -11.38
N GLY A 50 19.46 -6.44 -11.43
CA GLY A 50 18.80 -5.78 -10.32
C GLY A 50 19.21 -4.34 -10.09
N GLU A 51 19.52 -3.61 -11.17
CA GLU A 51 20.01 -2.25 -11.07
C GLU A 51 19.11 -1.21 -11.72
N CYS A 52 18.25 -1.60 -12.66
CA CYS A 52 17.49 -0.62 -13.43
C CYS A 52 16.32 -0.04 -12.64
N GLY A 53 15.61 -0.88 -11.91
CA GLY A 53 14.48 -0.42 -11.13
C GLY A 53 13.19 -0.29 -11.88
N THR A 54 13.13 -0.72 -13.15
CA THR A 54 11.90 -0.62 -13.92
C THR A 54 10.83 -1.58 -13.44
N CYS A 55 11.20 -2.57 -12.63
CA CYS A 55 10.25 -3.56 -12.12
C CYS A 55 9.56 -3.10 -10.84
N MET A 56 9.51 -1.80 -10.57
CA MET A 56 8.99 -1.34 -9.29
C MET A 56 7.52 -1.72 -9.15
N THR A 57 7.16 -2.17 -7.96
CA THR A 57 5.86 -2.73 -7.68
C THR A 57 5.36 -2.20 -6.35
N HIS A 58 4.12 -1.73 -6.32
CA HIS A 58 3.50 -1.23 -5.11
C HIS A 58 2.85 -2.39 -4.37
N ILE A 59 3.24 -2.60 -3.12
CA ILE A 59 2.74 -3.69 -2.30
C ILE A 59 1.49 -3.18 -1.59
N LEU A 60 0.32 -3.60 -2.08
CA LEU A 60 -0.94 -3.14 -1.49
C LEU A 60 -1.21 -3.80 -0.14
N GLU A 61 -1.07 -5.12 -0.08
CA GLU A 61 -1.28 -5.87 1.15
C GLU A 61 -0.24 -6.96 1.29
N GLY A 62 0.03 -7.35 2.53
CA GLY A 62 0.84 -8.52 2.79
C GLY A 62 2.34 -8.31 2.71
N SER A 63 2.81 -7.09 2.98
CA SER A 63 4.25 -6.84 2.98
C SER A 63 4.99 -7.70 3.99
N GLU A 64 4.31 -8.18 5.02
CA GLU A 64 4.98 -9.01 6.03
C GLU A 64 5.32 -10.40 5.49
N ASN A 65 4.67 -10.84 4.41
CA ASN A 65 4.91 -12.16 3.84
C ASN A 65 5.97 -12.15 2.76
N LEU A 66 6.74 -11.07 2.64
CA LEU A 66 7.72 -10.91 1.58
C LEU A 66 9.13 -10.98 2.15
N SER A 67 10.08 -11.42 1.33
CA SER A 67 11.46 -11.43 1.76
C SER A 67 11.91 -9.99 2.04
N GLU A 68 12.69 -9.82 3.11
CA GLU A 68 13.18 -8.50 3.44
C GLU A 68 14.11 -7.99 2.34
N PRO A 69 14.11 -6.70 2.06
CA PRO A 69 14.95 -6.20 0.97
C PRO A 69 16.43 -6.23 1.35
N THR A 70 17.25 -6.59 0.37
CA THR A 70 18.69 -6.54 0.54
C THR A 70 19.17 -5.09 0.46
N ALA A 71 20.44 -4.89 0.80
CA ALA A 71 21.02 -3.55 0.67
C ALA A 71 21.03 -3.09 -0.78
N LEU A 72 21.15 -4.03 -1.71
CA LEU A 72 21.08 -3.69 -3.13
C LEU A 72 19.71 -3.16 -3.51
N GLU A 73 18.66 -3.89 -3.13
CA GLU A 73 17.30 -3.47 -3.44
C GLU A 73 17.01 -2.09 -2.87
N MET A 74 17.36 -1.87 -1.60
CA MET A 74 17.17 -0.57 -0.98
C MET A 74 17.84 0.53 -1.78
N ARG A 75 19.03 0.27 -2.31
CA ARG A 75 19.76 1.30 -3.05
C ARG A 75 19.11 1.58 -4.39
N VAL A 76 18.67 0.55 -5.09
CA VAL A 76 18.03 0.76 -6.38
C VAL A 76 16.63 1.35 -6.19
N LEU A 77 15.93 0.94 -5.13
CA LEU A 77 14.66 1.58 -4.79
C LEU A 77 14.84 3.08 -4.61
N GLU A 78 15.73 3.47 -3.70
CA GLU A 78 15.95 4.90 -3.45
C GLU A 78 16.40 5.62 -4.72
N GLU A 79 17.28 4.98 -5.51
CA GLU A 79 17.77 5.61 -6.74
C GLU A 79 16.64 5.91 -7.70
N ASN A 80 15.56 5.12 -7.69
CA ASN A 80 14.46 5.31 -8.60
C ASN A 80 13.21 5.87 -7.92
N LEU A 81 13.39 6.56 -6.80
CA LEU A 81 12.30 7.24 -6.10
C LEU A 81 11.20 6.27 -5.65
N GLY A 82 11.61 5.08 -5.23
CA GLY A 82 10.68 4.15 -4.66
C GLY A 82 10.16 4.65 -3.33
N GLY A 83 8.87 4.39 -3.07
CA GLY A 83 8.21 4.86 -1.87
C GLY A 83 8.25 3.84 -0.75
N LYS A 84 7.42 4.12 0.28
CA LYS A 84 7.41 3.30 1.48
C LYS A 84 6.96 1.87 1.20
N ASP A 85 6.07 1.67 0.23
CA ASP A 85 5.49 0.36 -0.04
C ASP A 85 5.95 -0.25 -1.35
N ASP A 86 6.91 0.38 -2.03
CA ASP A 86 7.39 -0.13 -3.31
C ASP A 86 8.53 -1.13 -3.10
N ARG A 87 8.58 -2.13 -3.98
CA ARG A 87 9.64 -3.14 -4.00
C ARG A 87 9.99 -3.45 -5.44
N LEU A 88 11.15 -4.08 -5.63
CA LEU A 88 11.59 -4.50 -6.95
C LEU A 88 11.09 -5.92 -7.21
N ALA A 89 10.33 -6.09 -8.30
CA ALA A 89 9.67 -7.35 -8.54
C ALA A 89 10.65 -8.48 -8.85
N CYS A 90 11.82 -8.15 -9.41
CA CYS A 90 12.82 -9.16 -9.72
C CYS A 90 13.63 -9.59 -8.50
N GLN A 91 13.40 -8.97 -7.35
CA GLN A 91 14.17 -9.27 -6.15
C GLN A 91 13.28 -9.54 -4.95
N CYS A 92 11.97 -9.42 -5.10
CA CYS A 92 11.03 -9.55 -3.99
C CYS A 92 10.39 -10.93 -4.07
N ARG A 93 10.69 -11.78 -3.10
CA ARG A 93 10.19 -13.15 -3.10
C ARG A 93 8.99 -13.27 -2.17
N VAL A 94 8.03 -14.07 -2.57
CA VAL A 94 6.83 -14.32 -1.78
C VAL A 94 7.07 -15.56 -0.91
N LEU A 95 7.05 -15.38 0.41
CA LEU A 95 7.44 -16.41 1.35
C LEU A 95 6.26 -17.14 1.98
N GLY A 96 5.04 -16.73 1.71
CA GLY A 96 3.87 -17.39 2.24
C GLY A 96 2.71 -16.42 2.28
N GLY A 97 1.61 -16.88 2.87
CA GLY A 97 0.48 -15.99 3.13
C GLY A 97 -0.12 -15.42 1.86
N ALA A 98 -0.59 -14.18 1.95
CA ALA A 98 -1.29 -13.52 0.86
C ALA A 98 -0.67 -12.16 0.61
N VAL A 99 -0.42 -11.84 -0.65
CA VAL A 99 0.18 -10.57 -1.06
C VAL A 99 -0.63 -10.03 -2.22
N LYS A 100 -0.87 -8.72 -2.22
CA LYS A 100 -1.54 -8.04 -3.31
C LYS A 100 -0.65 -6.92 -3.83
N VAL A 101 -0.48 -6.86 -5.14
CA VAL A 101 0.46 -5.93 -5.76
C VAL A 101 -0.17 -5.29 -6.98
N ARG A 102 0.37 -4.14 -7.36
CA ARG A 102 0.06 -3.48 -8.62
C ARG A 102 1.33 -2.84 -9.13
N PRO A 103 1.46 -2.65 -10.45
CA PRO A 103 2.62 -1.93 -10.97
C PRO A 103 2.74 -0.56 -10.36
N ALA A 104 3.95 -0.21 -9.94
CA ALA A 104 4.21 1.11 -9.38
C ALA A 104 4.40 2.11 -10.51
N ASP B 11 -6.99 -0.36 -10.00
CA ASP B 11 -5.69 0.20 -9.64
C ASP B 11 -5.79 1.67 -9.25
N LYS B 12 -7.01 2.17 -9.17
CA LYS B 12 -7.26 3.55 -8.77
C LYS B 12 -8.55 3.62 -7.97
N ALA B 13 -8.63 4.65 -7.13
CA ALA B 13 -9.78 4.84 -6.27
C ALA B 13 -10.05 6.33 -6.15
N THR B 14 -11.16 6.66 -5.51
CA THR B 14 -11.51 8.05 -5.25
C THR B 14 -11.59 8.29 -3.75
N LEU B 15 -11.06 9.42 -3.32
CA LEU B 15 -11.04 9.81 -1.91
C LEU B 15 -11.58 11.23 -1.81
N THR B 16 -12.66 11.41 -1.07
CA THR B 16 -13.32 12.70 -0.94
C THR B 16 -13.06 13.28 0.44
N PHE B 17 -12.52 14.50 0.48
CA PHE B 17 -12.35 15.26 1.71
C PHE B 17 -13.50 16.27 1.79
N THR B 18 -14.47 15.99 2.65
CA THR B 18 -15.67 16.82 2.71
C THR B 18 -15.42 18.17 3.38
N ASP B 19 -14.36 18.31 4.16
CA ASP B 19 -14.07 19.61 4.76
C ASP B 19 -13.60 20.62 3.72
N VAL B 20 -13.13 20.17 2.57
CA VAL B 20 -12.76 21.04 1.46
C VAL B 20 -13.56 20.77 0.20
N SER B 21 -14.46 19.77 0.22
CA SER B 21 -15.30 19.44 -0.92
C SER B 21 -14.46 19.18 -2.17
N ILE B 22 -13.46 18.31 -2.04
CA ILE B 22 -12.59 17.93 -3.15
C ILE B 22 -12.50 16.42 -3.18
N THR B 23 -12.63 15.84 -4.37
CA THR B 23 -12.52 14.41 -4.59
C THR B 23 -11.32 14.14 -5.47
N VAL B 24 -10.33 13.41 -4.94
CA VAL B 24 -9.13 13.07 -5.69
C VAL B 24 -9.24 11.63 -6.19
N ASN B 25 -8.72 11.40 -7.39
CA ASN B 25 -8.59 10.05 -7.94
C ASN B 25 -7.22 9.52 -7.57
N VAL B 26 -7.18 8.55 -6.66
CA VAL B 26 -5.93 8.11 -6.05
C VAL B 26 -5.48 6.77 -6.60
N PRO B 27 -4.18 6.54 -6.77
CA PRO B 27 -3.70 5.19 -7.03
C PRO B 27 -3.89 4.32 -5.80
N THR B 28 -4.44 3.13 -5.99
CA THR B 28 -4.73 2.24 -4.87
C THR B 28 -3.48 2.03 -4.02
N GLY B 29 -3.68 1.96 -2.71
CA GLY B 29 -2.60 1.90 -1.75
C GLY B 29 -2.15 3.23 -1.20
N THR B 30 -2.64 4.34 -1.75
CA THR B 30 -2.23 5.66 -1.31
C THR B 30 -2.69 5.93 0.12
N ARG B 31 -1.80 6.51 0.92
CA ARG B 31 -2.15 6.89 2.28
C ARG B 31 -2.89 8.21 2.26
N ILE B 32 -3.90 8.33 3.12
CA ILE B 32 -4.79 9.49 3.11
C ILE B 32 -4.02 10.78 3.33
N ILE B 33 -2.99 10.75 4.19
CA ILE B 33 -2.25 11.97 4.50
C ILE B 33 -1.51 12.51 3.29
N GLU B 34 -1.20 11.67 2.30
CA GLU B 34 -0.55 12.17 1.09
C GLU B 34 -1.48 13.09 0.33
N MET B 35 -2.75 12.73 0.23
CA MET B 35 -3.72 13.53 -0.50
C MET B 35 -4.31 14.65 0.33
N SER B 36 -4.47 14.46 1.64
CA SER B 36 -5.04 15.52 2.47
C SER B 36 -4.12 16.72 2.55
N GLU B 37 -2.81 16.50 2.51
CA GLU B 37 -1.87 17.62 2.46
C GLU B 37 -1.87 18.26 1.08
N LYS B 38 -2.10 17.48 0.03
CA LYS B 38 -2.16 18.03 -1.31
C LYS B 38 -3.43 18.84 -1.56
N VAL B 39 -4.47 18.65 -0.76
CA VAL B 39 -5.72 19.41 -0.89
C VAL B 39 -5.91 20.41 0.24
N GLY B 40 -4.99 20.48 1.20
CA GLY B 40 -5.15 21.40 2.31
C GLY B 40 -6.27 21.01 3.26
N SER B 41 -6.48 19.72 3.47
CA SER B 41 -7.51 19.26 4.38
C SER B 41 -7.14 19.60 5.83
N GLY B 42 -8.17 19.72 6.66
CA GLY B 42 -7.98 20.04 8.07
C GLY B 42 -7.40 18.90 8.90
N ILE B 43 -6.94 17.85 8.23
CA ILE B 43 -6.30 16.71 8.89
C ILE B 43 -4.87 17.09 9.24
N THR B 44 -4.52 17.00 10.52
CA THR B 44 -3.22 17.48 11.00
C THR B 44 -2.14 16.43 10.78
N TYR B 45 -1.14 16.78 9.97
CA TYR B 45 0.05 15.97 9.76
C TYR B 45 1.01 16.21 10.92
N GLY B 46 1.17 15.23 11.80
CA GLY B 46 1.82 15.47 13.07
C GLY B 46 3.22 14.92 13.25
N CYS B 47 3.48 13.70 12.76
CA CYS B 47 4.75 13.05 13.05
C CYS B 47 5.17 12.20 11.85
N ARG B 48 6.44 11.80 11.87
CA ARG B 48 6.97 10.84 10.91
C ARG B 48 6.83 9.40 11.39
N GLU B 49 6.62 9.20 12.69
CA GLU B 49 6.66 7.89 13.31
C GLU B 49 5.31 7.18 13.30
N GLY B 50 4.22 7.90 13.06
CA GLY B 50 2.91 7.28 13.16
C GLY B 50 2.47 7.01 14.57
N GLU B 51 2.92 7.83 15.53
CA GLU B 51 2.57 7.64 16.93
C GLU B 51 1.97 8.85 17.60
N CYS B 52 1.97 10.02 16.94
CA CYS B 52 1.40 11.20 17.58
C CYS B 52 -0.13 11.14 17.59
N GLY B 53 -0.72 10.64 16.51
CA GLY B 53 -2.16 10.48 16.43
C GLY B 53 -2.94 11.71 16.07
N THR B 54 -2.28 12.85 15.81
CA THR B 54 -3.00 14.06 15.46
C THR B 54 -3.67 13.98 14.10
N CYS B 55 -3.39 12.95 13.31
CA CYS B 55 -3.99 12.77 11.99
C CYS B 55 -5.32 12.03 12.04
N MET B 56 -6.03 12.09 13.15
CA MET B 56 -7.32 11.42 13.28
C MET B 56 -8.26 11.84 12.15
N THR B 57 -8.90 10.86 11.52
CA THR B 57 -9.73 11.06 10.34
C THR B 57 -10.99 10.23 10.49
N HIS B 58 -12.15 10.86 10.27
CA HIS B 58 -13.43 10.16 10.37
C HIS B 58 -13.83 9.64 9.00
N ILE B 59 -14.07 8.32 8.92
CA ILE B 59 -14.44 7.68 7.68
C ILE B 59 -15.96 7.71 7.56
N LEU B 60 -16.47 8.54 6.65
CA LEU B 60 -17.91 8.68 6.48
C LEU B 60 -18.46 7.56 5.62
N GLU B 61 -17.75 7.20 4.55
CA GLU B 61 -18.19 6.15 3.63
C GLU B 61 -16.96 5.40 3.12
N GLY B 62 -17.20 4.16 2.69
CA GLY B 62 -16.16 3.40 2.03
C GLY B 62 -15.11 2.79 2.93
N SER B 63 -15.46 2.48 4.19
CA SER B 63 -14.51 1.85 5.10
C SER B 63 -14.17 0.43 4.69
N GLU B 64 -15.01 -0.21 3.88
CA GLU B 64 -14.71 -1.54 3.38
C GLU B 64 -13.57 -1.53 2.38
N ASN B 65 -13.23 -0.37 1.81
CA ASN B 65 -12.17 -0.22 0.83
C ASN B 65 -10.86 0.26 1.46
N LEU B 66 -10.77 0.31 2.78
CA LEU B 66 -9.59 0.77 3.47
C LEU B 66 -8.64 -0.39 3.76
N SER B 67 -7.37 -0.05 3.98
CA SER B 67 -6.42 -1.03 4.46
C SER B 67 -6.75 -1.43 5.89
N GLU B 68 -6.57 -2.71 6.21
CA GLU B 68 -6.75 -3.17 7.57
C GLU B 68 -5.76 -2.47 8.48
N PRO B 69 -6.20 -2.00 9.66
CA PRO B 69 -5.27 -1.26 10.53
C PRO B 69 -4.14 -2.15 11.04
N THR B 70 -2.94 -1.58 11.07
CA THR B 70 -1.83 -2.28 11.68
C THR B 70 -1.97 -2.28 13.20
N ALA B 71 -1.11 -3.07 13.85
CA ALA B 71 -1.09 -3.08 15.31
C ALA B 71 -0.62 -1.74 15.86
N LEU B 72 0.23 -1.03 15.12
CA LEU B 72 0.62 0.31 15.53
C LEU B 72 -0.56 1.27 15.46
N GLU B 73 -1.31 1.22 14.36
CA GLU B 73 -2.45 2.12 14.19
C GLU B 73 -3.52 1.86 15.24
N MET B 74 -3.89 0.60 15.44
CA MET B 74 -4.95 0.27 16.38
C MET B 74 -4.59 0.70 17.80
N ARG B 75 -3.31 0.70 18.14
CA ARG B 75 -2.90 1.15 19.46
C ARG B 75 -2.92 2.66 19.57
N VAL B 76 -2.41 3.36 18.57
CA VAL B 76 -2.41 4.82 18.62
C VAL B 76 -3.84 5.35 18.58
N LEU B 77 -4.73 4.67 17.84
CA LEU B 77 -6.13 5.07 17.85
C LEU B 77 -6.72 4.99 19.24
N GLU B 78 -6.45 3.90 19.96
CA GLU B 78 -7.02 3.70 21.28
C GLU B 78 -6.52 4.77 22.26
N GLU B 79 -5.20 4.96 22.33
CA GLU B 79 -4.68 5.93 23.29
C GLU B 79 -5.06 7.36 22.93
N ASN B 80 -5.55 7.60 21.71
CA ASN B 80 -6.01 8.93 21.31
C ASN B 80 -7.53 8.97 21.19
N LEU B 81 -8.22 7.97 21.73
CA LEU B 81 -9.67 7.98 21.87
C LEU B 81 -10.36 8.03 20.50
N GLY B 82 -10.04 7.03 19.68
CA GLY B 82 -10.63 6.91 18.37
C GLY B 82 -11.93 6.15 18.42
N GLY B 83 -12.91 6.62 17.64
CA GLY B 83 -14.20 5.98 17.55
C GLY B 83 -14.20 4.86 16.52
N LYS B 84 -15.39 4.29 16.31
CA LYS B 84 -15.49 3.12 15.44
C LYS B 84 -15.15 3.45 13.99
N ASP B 85 -15.36 4.69 13.57
CA ASP B 85 -15.12 5.08 12.19
C ASP B 85 -13.89 5.95 12.02
N ASP B 86 -13.05 6.05 13.04
CA ASP B 86 -11.85 6.89 13.00
C ASP B 86 -10.64 6.07 12.62
N ARG B 87 -9.73 6.67 11.85
CA ARG B 87 -8.49 6.04 11.42
C ARG B 87 -7.39 7.09 11.41
N LEU B 88 -6.15 6.65 11.20
CA LEU B 88 -5.00 7.54 11.13
C LEU B 88 -4.65 7.77 9.67
N ALA B 89 -4.71 9.03 9.23
CA ALA B 89 -4.53 9.34 7.81
C ALA B 89 -3.16 8.92 7.31
N CYS B 90 -2.12 9.00 8.15
CA CYS B 90 -0.79 8.62 7.71
C CYS B 90 -0.63 7.12 7.58
N GLN B 91 -1.51 6.33 8.20
CA GLN B 91 -1.42 4.88 8.16
C GLN B 91 -2.57 4.21 7.44
N CYS B 92 -3.68 4.91 7.22
CA CYS B 92 -4.84 4.35 6.56
C CYS B 92 -4.72 4.53 5.05
N ARG B 93 -4.88 3.44 4.31
CA ARG B 93 -4.61 3.44 2.88
C ARG B 93 -5.86 3.06 2.10
N VAL B 94 -6.05 3.68 0.95
CA VAL B 94 -7.21 3.44 0.10
C VAL B 94 -6.84 2.37 -0.92
N LEU B 95 -7.51 1.22 -0.84
CA LEU B 95 -7.20 0.06 -1.67
C LEU B 95 -8.15 -0.09 -2.86
N GLY B 96 -9.17 0.74 -2.97
CA GLY B 96 -10.10 0.65 -4.07
C GLY B 96 -11.35 1.48 -3.80
N GLY B 97 -12.30 1.34 -4.71
CA GLY B 97 -13.63 1.91 -4.59
C GLY B 97 -13.63 3.42 -4.38
N ALA B 98 -14.62 3.89 -3.62
CA ALA B 98 -14.75 5.28 -3.24
C ALA B 98 -14.76 5.40 -1.73
N VAL B 99 -14.11 6.45 -1.23
CA VAL B 99 -14.03 6.71 0.20
C VAL B 99 -14.29 8.20 0.43
N LYS B 100 -15.03 8.52 1.48
CA LYS B 100 -15.31 9.89 1.87
C LYS B 100 -14.91 10.08 3.32
N VAL B 101 -14.14 11.12 3.61
CA VAL B 101 -13.53 11.30 4.92
C VAL B 101 -13.61 12.75 5.32
N ARG B 102 -13.49 12.98 6.63
CA ARG B 102 -13.46 14.32 7.18
C ARG B 102 -12.51 14.32 8.37
N PRO B 103 -11.90 15.45 8.69
CA PRO B 103 -11.08 15.53 9.90
C PRO B 103 -11.90 15.13 11.12
N ALA B 104 -11.32 14.30 11.96
CA ALA B 104 -12.01 13.86 13.17
C ALA B 104 -11.42 14.55 14.38
FE1 FES C . 15.97 -4.27 -13.22
FE2 FES C . 14.35 -5.39 -11.39
S1 FES C . 15.85 -3.82 -11.07
S2 FES C . 14.35 -5.70 -13.56
FE1 FES D . 1.34 11.27 13.61
FE2 FES D . -0.31 10.11 11.82
S1 FES D . 0.16 9.43 13.85
S2 FES D . 0.85 11.96 11.58
#